data_5T47
#
_entry.id   5T47
#
_cell.length_a   46.295
_cell.length_b   49.714
_cell.length_c   58.627
_cell.angle_alpha   102.70
_cell.angle_beta   103.94
_cell.angle_gamma   116.08
#
_symmetry.space_group_name_H-M   'P 1'
#
loop_
_entity.id
_entity.type
_entity.pdbx_description
1 polymer 'Eukaryotic translation initiation factor 4E'
2 polymer 'Eukaryotic translation initiation factor 4G, isoform A'
3 non-polymer GLYCEROL
4 water water
#
loop_
_entity_poly.entity_id
_entity_poly.type
_entity_poly.pdbx_seq_one_letter_code
_entity_poly.pdbx_strand_id
1 'polypeptide(L)'
;GPHMKHPLMNVWTLWYLENDRSKSWEDMQNEITSFDTVEDFWSLYNHIKPPSEIKLGSDYSLFKKNIRPMWEDAANKQGG
RWVITLNKSSKTDLDNLWLDVLLCLIGEAFDHSDQICGAVINIRGKSNKISIWTADGNNEEAALEIGHKLRDALRLGRNN
SLQYQLHKDTMVKQGSNVKSIYTL
;
A,C
2 'polypeptide(L)' GPHMSIINYNEGQWSPNNPSGKKQYDREQLLQLREVKASRIQPEVKNVSILPQPNLMPSFIRNN B,D
#
loop_
_chem_comp.id
_chem_comp.type
_chem_comp.name
_chem_comp.formula
GOL non-polymer GLYCEROL 'C3 H8 O3'
#
# COMPACT_ATOMS: atom_id res chain seq x y z
N HIS A 3 1.37 21.24 7.07
CA HIS A 3 2.00 21.14 5.76
C HIS A 3 3.02 20.02 5.72
N MET A 4 3.99 20.08 6.63
CA MET A 4 5.10 19.13 6.66
C MET A 4 4.70 17.93 7.53
N LYS A 5 3.92 17.05 6.94
CA LYS A 5 3.38 15.89 7.63
C LYS A 5 4.35 14.71 7.53
N HIS A 6 4.21 13.79 8.49
CA HIS A 6 5.06 12.61 8.55
C HIS A 6 4.36 11.46 7.82
N PRO A 7 4.88 10.99 6.68
CA PRO A 7 4.16 9.95 5.94
C PRO A 7 4.27 8.60 6.60
N LEU A 8 3.19 7.82 6.48
CA LEU A 8 3.17 6.47 6.98
C LEU A 8 3.70 5.50 5.93
N MET A 9 4.21 4.36 6.39
CA MET A 9 4.73 3.37 5.47
C MET A 9 3.63 2.77 4.61
N ASN A 10 2.40 2.75 5.12
CA ASN A 10 1.26 2.17 4.41
C ASN A 10 0.08 3.11 4.45
N VAL A 11 -0.82 2.93 3.48
CA VAL A 11 -2.11 3.60 3.49
C VAL A 11 -3.08 2.76 4.33
N TRP A 12 -3.83 3.42 5.21
CA TRP A 12 -4.77 2.75 6.10
C TRP A 12 -6.17 3.28 5.87
N THR A 13 -7.15 2.41 6.11
CA THR A 13 -8.56 2.75 6.00
C THR A 13 -9.25 2.38 7.31
N LEU A 14 -10.05 3.31 7.85
CA LEU A 14 -10.86 3.03 9.03
C LEU A 14 -12.24 2.56 8.61
N TRP A 15 -12.71 1.48 9.24
CA TRP A 15 -14.03 0.93 9.00
C TRP A 15 -14.87 1.00 10.28
N TYR A 16 -16.19 1.03 10.10
CA TYR A 16 -17.12 1.06 11.22
C TYR A 16 -18.30 0.16 10.88
N LEU A 17 -18.47 -0.92 11.64
CA LEU A 17 -19.60 -1.83 11.48
C LEU A 17 -20.67 -1.50 12.51
N GLU A 18 -21.89 -1.22 12.04
CA GLU A 18 -23.03 -0.92 12.89
C GLU A 18 -23.97 -2.13 12.88
N ASN A 19 -24.29 -2.66 14.05
CA ASN A 19 -25.13 -3.83 14.14
C ASN A 19 -26.55 -3.52 13.65
N ASP A 20 -27.07 -4.39 12.80
CA ASP A 20 -28.42 -4.24 12.26
C ASP A 20 -28.96 -5.62 11.89
N ARG A 21 -30.12 -5.65 11.24
CA ARG A 21 -30.75 -6.89 10.81
C ARG A 21 -29.75 -7.85 10.18
N GLU A 26 -21.96 -7.61 5.27
CA GLU A 26 -21.18 -6.71 4.43
C GLU A 26 -21.83 -5.33 4.31
N ASP A 27 -23.17 -5.34 4.22
CA ASP A 27 -23.90 -4.08 4.06
C ASP A 27 -23.69 -3.14 5.24
N MET A 28 -23.41 -3.68 6.43
CA MET A 28 -23.23 -2.84 7.61
C MET A 28 -21.79 -2.44 7.85
N GLN A 29 -20.83 -3.07 7.17
CA GLN A 29 -19.46 -2.57 7.17
C GLN A 29 -19.41 -1.28 6.38
N ASN A 30 -18.94 -0.21 7.01
CA ASN A 30 -18.88 1.11 6.39
C ASN A 30 -17.44 1.60 6.35
N GLU A 31 -16.98 1.96 5.15
CA GLU A 31 -15.67 2.55 4.98
C GLU A 31 -15.71 4.02 5.39
N ILE A 32 -14.97 4.36 6.45
CA ILE A 32 -14.99 5.70 7.00
C ILE A 32 -14.13 6.64 6.17
N THR A 33 -12.81 6.40 6.17
CA THR A 33 -11.89 7.23 5.40
C THR A 33 -10.53 6.55 5.41
N SER A 34 -9.65 7.02 4.54
CA SER A 34 -8.29 6.52 4.45
C SER A 34 -7.30 7.65 4.73
N PHE A 35 -6.09 7.27 5.13
CA PHE A 35 -5.06 8.24 5.47
C PHE A 35 -3.70 7.60 5.27
N ASP A 36 -2.68 8.44 5.07
CA ASP A 36 -1.33 7.94 4.87
C ASP A 36 -0.28 8.81 5.55
N THR A 37 -0.67 9.63 6.53
CA THR A 37 0.29 10.38 7.33
C THR A 37 -0.13 10.33 8.79
N VAL A 38 0.84 10.58 9.68
CA VAL A 38 0.55 10.60 11.11
C VAL A 38 -0.47 11.68 11.43
N GLU A 39 -0.30 12.88 10.86
CA GLU A 39 -1.18 13.99 11.18
C GLU A 39 -2.60 13.74 10.68
N ASP A 40 -2.74 13.10 9.52
CA ASP A 40 -4.07 12.77 9.01
C ASP A 40 -4.73 11.69 9.85
N PHE A 41 -3.95 10.79 10.45
CA PHE A 41 -4.51 9.84 11.40
C PHE A 41 -5.09 10.56 12.61
N TRP A 42 -4.29 11.43 13.24
CA TRP A 42 -4.78 12.15 14.41
C TRP A 42 -5.96 13.04 14.07
N SER A 43 -5.95 13.63 12.88
CA SER A 43 -7.11 14.40 12.43
C SER A 43 -8.37 13.55 12.47
N LEU A 44 -8.24 12.26 12.15
CA LEU A 44 -9.39 11.35 12.18
C LEU A 44 -9.71 10.93 13.61
N TYR A 45 -8.71 10.45 14.35
CA TYR A 45 -8.97 9.88 15.67
C TYR A 45 -9.49 10.96 16.63
N ASN A 46 -8.98 12.18 16.51
CA ASN A 46 -9.36 13.25 17.44
C ASN A 46 -10.79 13.72 17.29
N HIS A 47 -11.48 13.36 16.20
CA HIS A 47 -12.83 13.86 15.95
C HIS A 47 -13.88 12.77 15.90
N ILE A 48 -13.53 11.52 16.24
CA ILE A 48 -14.49 10.43 16.23
C ILE A 48 -14.64 9.88 17.64
N LYS A 49 -15.74 9.17 17.85
CA LYS A 49 -16.02 8.60 19.16
C LYS A 49 -14.94 7.57 19.51
N PRO A 50 -14.50 7.49 20.76
CA PRO A 50 -13.62 6.40 21.17
C PRO A 50 -14.40 5.10 21.23
N PRO A 51 -13.71 3.96 21.23
CA PRO A 51 -14.43 2.67 21.27
C PRO A 51 -15.38 2.57 22.45
N SER A 52 -15.07 3.23 23.56
CA SER A 52 -15.91 3.17 24.75
C SER A 52 -17.24 3.91 24.59
N GLU A 53 -17.44 4.62 23.48
CA GLU A 53 -18.65 5.41 23.28
C GLU A 53 -19.53 4.94 22.13
N ILE A 54 -19.09 3.96 21.33
CA ILE A 54 -19.90 3.51 20.21
C ILE A 54 -20.97 2.54 20.70
N LYS A 55 -22.01 2.38 19.88
CA LYS A 55 -23.15 1.58 20.26
C LYS A 55 -22.77 0.12 20.47
N LEU A 56 -23.52 -0.55 21.33
CA LEU A 56 -23.33 -1.98 21.56
C LEU A 56 -23.53 -2.75 20.26
N GLY A 57 -22.60 -3.65 19.96
CA GLY A 57 -22.66 -4.45 18.75
C GLY A 57 -21.92 -3.88 17.57
N SER A 58 -21.26 -2.74 17.72
CA SER A 58 -20.52 -2.11 16.63
C SER A 58 -19.04 -2.49 16.70
N ASP A 59 -18.33 -2.21 15.60
CA ASP A 59 -16.91 -2.51 15.50
C ASP A 59 -16.19 -1.32 14.88
N TYR A 60 -14.93 -1.15 15.28
CA TYR A 60 -13.96 -0.34 14.53
C TYR A 60 -12.93 -1.28 13.94
N SER A 61 -12.47 -0.96 12.73
CA SER A 61 -11.41 -1.74 12.11
C SER A 61 -10.45 -0.79 11.39
N LEU A 62 -9.17 -1.09 11.47
CA LEU A 62 -8.14 -0.36 10.73
C LEU A 62 -7.33 -1.36 9.92
N PHE A 63 -7.47 -1.30 8.60
CA PHE A 63 -6.80 -2.21 7.70
C PHE A 63 -6.04 -1.44 6.63
N LYS A 64 -4.95 -2.03 6.16
CA LYS A 64 -4.23 -1.47 5.03
C LYS A 64 -5.17 -1.34 3.83
N LYS A 65 -4.93 -0.29 3.03
CA LYS A 65 -5.85 0.08 1.96
C LYS A 65 -6.21 -1.12 1.10
N ASN A 66 -7.49 -1.23 0.79
CA ASN A 66 -8.07 -2.24 -0.09
C ASN A 66 -8.06 -3.65 0.49
N ILE A 67 -7.72 -3.81 1.76
CA ILE A 67 -8.03 -5.05 2.49
C ILE A 67 -9.29 -4.79 3.29
N ARG A 68 -10.33 -5.58 3.05
CA ARG A 68 -11.54 -5.43 3.83
C ARG A 68 -11.42 -6.20 5.13
N PRO A 69 -12.13 -5.73 6.25
CA PRO A 69 -12.13 -6.47 7.52
C PRO A 69 -13.04 -7.69 7.49
N MET A 70 -12.79 -8.57 6.52
CA MET A 70 -13.59 -9.78 6.32
C MET A 70 -12.62 -10.93 6.09
N TRP A 71 -12.70 -11.95 6.95
CA TRP A 71 -11.70 -13.01 6.94
C TRP A 71 -11.78 -13.88 5.70
N GLU A 72 -12.94 -13.92 5.03
CA GLU A 72 -13.07 -14.74 3.83
C GLU A 72 -12.42 -14.11 2.60
N ASP A 73 -12.10 -12.81 2.65
CA ASP A 73 -11.41 -12.19 1.52
C ASP A 73 -10.05 -12.84 1.32
N ALA A 74 -9.58 -12.82 0.07
CA ALA A 74 -8.33 -13.50 -0.27
C ALA A 74 -7.15 -13.00 0.57
N ALA A 75 -7.14 -11.72 0.92
CA ALA A 75 -6.03 -11.16 1.69
C ALA A 75 -5.95 -11.74 3.09
N ASN A 76 -7.07 -12.21 3.64
CA ASN A 76 -7.13 -12.70 5.01
C ASN A 76 -7.41 -14.19 5.12
N LYS A 77 -7.76 -14.85 4.01
CA LYS A 77 -8.32 -16.20 4.08
C LYS A 77 -7.34 -17.19 4.70
N GLN A 78 -6.04 -17.04 4.43
CA GLN A 78 -5.04 -17.97 4.92
C GLN A 78 -4.41 -17.53 6.23
N GLY A 79 -4.93 -16.48 6.86
CA GLY A 79 -4.30 -15.88 8.02
C GLY A 79 -5.01 -16.23 9.32
N GLY A 80 -4.65 -15.48 10.35
CA GLY A 80 -5.23 -15.64 11.67
C GLY A 80 -5.31 -14.30 12.37
N ARG A 81 -5.59 -14.31 13.67
CA ARG A 81 -5.73 -13.07 14.42
C ARG A 81 -5.25 -13.28 15.85
N TRP A 82 -4.51 -12.30 16.36
CA TRP A 82 -4.19 -12.24 17.78
C TRP A 82 -5.34 -11.56 18.51
N VAL A 83 -6.00 -12.30 19.40
CA VAL A 83 -7.20 -11.82 20.07
C VAL A 83 -6.84 -11.39 21.49
N ILE A 84 -7.24 -10.18 21.85
CA ILE A 84 -7.07 -9.65 23.20
C ILE A 84 -8.45 -9.55 23.83
N THR A 85 -8.60 -10.18 24.99
CA THR A 85 -9.84 -10.19 25.74
C THR A 85 -9.63 -9.48 27.06
N LEU A 86 -10.69 -8.85 27.57
CA LEU A 86 -10.64 -8.16 28.85
C LEU A 86 -11.55 -8.91 29.82
N ASN A 87 -10.97 -9.47 30.88
CA ASN A 87 -11.77 -10.12 31.92
C ASN A 87 -12.75 -9.13 32.52
N LYS A 88 -12.25 -7.98 32.97
CA LYS A 88 -13.07 -6.90 33.49
C LYS A 88 -12.84 -5.68 32.61
N SER A 89 -13.88 -5.24 31.92
CA SER A 89 -13.77 -4.15 30.96
C SER A 89 -13.94 -2.81 31.67
N SER A 90 -13.30 -1.79 31.11
CA SER A 90 -13.41 -0.43 31.63
C SER A 90 -13.18 0.56 30.50
N LYS A 91 -13.72 1.76 30.68
CA LYS A 91 -13.51 2.84 29.73
C LYS A 91 -12.03 3.05 29.44
N THR A 92 -11.20 3.05 30.48
CA THR A 92 -9.80 3.40 30.32
C THR A 92 -9.05 2.35 29.51
N ASP A 93 -9.19 1.07 29.87
CA ASP A 93 -8.46 0.01 29.19
C ASP A 93 -8.89 -0.10 27.73
N LEU A 94 -10.19 0.04 27.46
CA LEU A 94 -10.68 -0.08 26.09
C LEU A 94 -10.06 0.97 25.18
N ASP A 95 -10.16 2.24 25.57
CA ASP A 95 -9.64 3.31 24.72
C ASP A 95 -8.12 3.26 24.63
N ASN A 96 -7.44 3.00 25.75
CA ASN A 96 -5.98 2.99 25.73
C ASN A 96 -5.45 1.82 24.90
N LEU A 97 -6.05 0.63 25.06
CA LEU A 97 -5.57 -0.53 24.31
C LEU A 97 -5.81 -0.37 22.81
N TRP A 98 -7.00 0.13 22.43
CA TRP A 98 -7.29 0.32 21.02
C TRP A 98 -6.33 1.33 20.39
N LEU A 99 -6.16 2.49 21.03
CA LEU A 99 -5.28 3.50 20.48
C LEU A 99 -3.85 2.99 20.39
N ASP A 100 -3.37 2.34 21.45
CA ASP A 100 -2.02 1.78 21.41
C ASP A 100 -1.87 0.76 20.29
N VAL A 101 -2.91 -0.03 20.04
CA VAL A 101 -2.86 -0.99 18.92
C VAL A 101 -2.75 -0.25 17.60
N LEU A 102 -3.53 0.83 17.43
CA LEU A 102 -3.47 1.60 16.19
C LEU A 102 -2.09 2.21 15.99
N LEU A 103 -1.47 2.69 17.07
CA LEU A 103 -0.15 3.29 16.94
C LEU A 103 0.92 2.24 16.61
N CYS A 104 0.75 1.02 17.10
CA CYS A 104 1.64 -0.07 16.70
C CYS A 104 1.51 -0.36 15.21
N LEU A 105 0.28 -0.35 14.69
CA LEU A 105 0.07 -0.66 13.28
C LEU A 105 0.61 0.44 12.38
N ILE A 106 0.11 1.67 12.53
CA ILE A 106 0.50 2.72 11.61
C ILE A 106 1.97 3.06 11.76
N GLY A 107 2.52 2.87 12.96
CA GLY A 107 3.93 3.12 13.19
C GLY A 107 4.85 1.99 12.77
N GLU A 108 4.30 0.86 12.34
CA GLU A 108 5.10 -0.27 11.87
C GLU A 108 6.04 -0.76 12.96
N ALA A 109 5.47 -1.02 14.15
CA ALA A 109 6.26 -1.40 15.30
C ALA A 109 6.73 -2.84 15.28
N PHE A 110 6.32 -3.63 14.30
CA PHE A 110 6.67 -5.05 14.23
C PHE A 110 7.71 -5.28 13.14
N ASP A 111 8.63 -6.20 13.39
CA ASP A 111 9.61 -6.57 12.38
C ASP A 111 8.93 -7.14 11.15
N HIS A 112 7.86 -7.91 11.36
CA HIS A 112 7.11 -8.51 10.25
C HIS A 112 5.90 -7.62 9.92
N SER A 113 6.22 -6.47 9.34
CA SER A 113 5.19 -5.51 8.94
C SER A 113 4.31 -6.06 7.83
N ASP A 114 4.91 -6.70 6.82
CA ASP A 114 4.16 -7.17 5.67
C ASP A 114 3.08 -8.18 6.06
N GLN A 115 3.18 -8.81 7.23
CA GLN A 115 2.22 -9.81 7.65
C GLN A 115 1.00 -9.22 8.33
N ILE A 116 1.03 -7.94 8.71
CA ILE A 116 -0.11 -7.31 9.37
C ILE A 116 -1.12 -6.88 8.32
N CYS A 117 -2.38 -7.28 8.51
CA CYS A 117 -3.48 -6.85 7.65
C CYS A 117 -4.25 -5.69 8.26
N GLY A 118 -4.58 -5.79 9.55
CA GLY A 118 -5.32 -4.73 10.20
C GLY A 118 -5.68 -5.14 11.62
N ALA A 119 -6.56 -4.34 12.22
CA ALA A 119 -6.98 -4.56 13.59
C ALA A 119 -8.47 -4.31 13.71
N VAL A 120 -9.10 -5.04 14.63
CA VAL A 120 -10.54 -4.95 14.87
C VAL A 120 -10.78 -4.90 16.37
N ILE A 121 -11.70 -4.05 16.80
CA ILE A 121 -12.18 -4.02 18.18
C ILE A 121 -13.69 -4.24 18.15
N ASN A 122 -14.15 -5.25 18.89
CA ASN A 122 -15.56 -5.57 18.98
C ASN A 122 -16.08 -5.06 20.32
N ILE A 123 -17.08 -4.19 20.28
CA ILE A 123 -17.79 -3.76 21.48
C ILE A 123 -19.00 -4.68 21.65
N ARG A 124 -18.93 -5.57 22.63
CA ARG A 124 -19.94 -6.60 22.83
C ARG A 124 -20.47 -6.57 24.26
N GLY A 125 -20.58 -5.38 24.85
CA GLY A 125 -21.14 -5.25 26.17
C GLY A 125 -20.29 -5.84 27.29
N LYS A 126 -20.71 -7.00 27.83
CA LYS A 126 -20.04 -7.55 29.00
C LYS A 126 -18.65 -8.08 28.68
N SER A 127 -18.36 -8.36 27.41
CA SER A 127 -17.00 -8.64 26.98
C SER A 127 -16.66 -7.76 25.79
N ASN A 128 -15.36 -7.54 25.59
CA ASN A 128 -14.85 -6.77 24.47
C ASN A 128 -13.60 -7.44 23.93
N LYS A 129 -13.44 -7.41 22.60
CA LYS A 129 -12.31 -8.07 21.96
C LYS A 129 -11.57 -7.07 21.09
N ILE A 130 -10.24 -7.13 21.12
CA ILE A 130 -9.37 -6.41 20.20
C ILE A 130 -8.51 -7.45 19.49
N SER A 131 -8.52 -7.42 18.16
CA SER A 131 -7.85 -8.44 17.37
C SER A 131 -6.92 -7.80 16.35
N ILE A 132 -5.77 -8.43 16.16
CA ILE A 132 -4.80 -8.02 15.14
C ILE A 132 -4.72 -9.16 14.13
N TRP A 133 -5.15 -8.87 12.90
CA TRP A 133 -5.24 -9.89 11.85
C TRP A 133 -3.92 -9.95 11.08
N THR A 134 -3.39 -11.15 10.89
CA THR A 134 -2.19 -11.37 10.10
C THR A 134 -2.53 -12.17 8.84
N ALA A 135 -1.56 -12.22 7.92
CA ALA A 135 -1.83 -12.73 6.59
C ALA A 135 -1.76 -14.26 6.52
N ASP A 136 -0.79 -14.86 7.20
CA ASP A 136 -0.54 -16.31 7.09
C ASP A 136 -0.45 -16.89 8.49
N GLY A 137 -1.44 -17.71 8.86
CA GLY A 137 -1.45 -18.37 10.16
C GLY A 137 -0.42 -19.46 10.31
N ASN A 138 0.28 -19.82 9.23
CA ASN A 138 1.34 -20.82 9.28
C ASN A 138 2.73 -20.20 9.39
N ASN A 139 2.84 -18.87 9.30
CA ASN A 139 4.12 -18.18 9.46
C ASN A 139 4.38 -18.07 10.96
N GLU A 140 4.99 -19.11 11.52
CA GLU A 140 5.18 -19.19 12.95
C GLU A 140 6.07 -18.07 13.46
N GLU A 141 7.14 -17.74 12.72
CA GLU A 141 8.05 -16.70 13.17
C GLU A 141 7.35 -15.35 13.24
N ALA A 142 6.54 -15.02 12.23
CA ALA A 142 5.90 -13.71 12.18
C ALA A 142 4.80 -13.60 13.22
N ALA A 143 3.95 -14.62 13.32
CA ALA A 143 2.86 -14.57 14.30
C ALA A 143 3.39 -14.41 15.72
N LEU A 144 4.45 -15.14 16.06
CA LEU A 144 5.00 -15.06 17.41
C LEU A 144 5.69 -13.73 17.66
N GLU A 145 6.43 -13.22 16.66
CA GLU A 145 7.07 -11.92 16.82
C GLU A 145 6.02 -10.83 17.06
N ILE A 146 4.91 -10.87 16.30
CA ILE A 146 3.84 -9.90 16.50
C ILE A 146 3.19 -10.09 17.86
N GLY A 147 2.99 -11.36 18.27
CA GLY A 147 2.36 -11.62 19.54
C GLY A 147 3.19 -11.14 20.72
N HIS A 148 4.49 -11.39 20.69
CA HIS A 148 5.36 -10.93 21.77
C HIS A 148 5.40 -9.40 21.82
N LYS A 149 5.42 -8.75 20.66
CA LYS A 149 5.42 -7.28 20.64
C LYS A 149 4.14 -6.73 21.24
N LEU A 150 2.99 -7.36 20.93
CA LEU A 150 1.73 -6.91 21.49
C LEU A 150 1.73 -7.00 23.01
N ARG A 151 2.16 -8.16 23.54
CA ARG A 151 2.16 -8.36 24.97
C ARG A 151 2.98 -7.32 25.70
N ASP A 152 4.13 -6.95 25.14
CA ASP A 152 5.00 -5.97 25.79
C ASP A 152 4.49 -4.55 25.57
N ALA A 153 4.21 -4.18 24.32
CA ALA A 153 3.79 -2.81 24.03
C ALA A 153 2.50 -2.44 24.75
N LEU A 154 1.61 -3.42 24.96
CA LEU A 154 0.32 -3.17 25.60
C LEU A 154 0.34 -3.47 27.09
N ARG A 155 1.46 -3.93 27.64
CA ARG A 155 1.55 -4.29 29.06
C ARG A 155 0.38 -5.18 29.49
N LEU A 156 0.09 -6.18 28.66
CA LEU A 156 -0.96 -7.13 28.99
C LEU A 156 -0.57 -7.93 30.23
N GLY A 157 -1.57 -8.33 31.01
CA GLY A 157 -1.35 -9.04 32.26
C GLY A 157 -2.51 -9.92 32.64
N ARG A 158 -2.78 -9.97 33.95
CA ARG A 158 -3.74 -10.94 34.50
C ARG A 158 -5.13 -10.76 33.90
N ASN A 159 -5.54 -9.51 33.67
CA ASN A 159 -6.87 -9.24 33.15
C ASN A 159 -7.01 -9.60 31.67
N ASN A 160 -5.93 -9.99 31.00
CA ASN A 160 -5.94 -10.22 29.57
C ASN A 160 -5.56 -11.65 29.23
N SER A 161 -5.94 -12.07 28.03
CA SER A 161 -5.42 -13.29 27.43
C SER A 161 -5.08 -12.98 25.98
N LEU A 162 -3.92 -13.45 25.55
CA LEU A 162 -3.41 -13.20 24.20
C LEU A 162 -3.38 -14.53 23.46
N GLN A 163 -4.30 -14.70 22.51
CA GLN A 163 -4.46 -15.96 21.80
C GLN A 163 -4.48 -15.72 20.30
N TYR A 164 -3.79 -16.60 19.57
CA TYR A 164 -3.76 -16.57 18.11
C TYR A 164 -4.69 -17.66 17.59
N GLN A 165 -5.66 -17.27 16.77
CA GLN A 165 -6.67 -18.18 16.26
C GLN A 165 -6.77 -18.04 14.75
N LEU A 166 -6.83 -19.17 14.06
CA LEU A 166 -7.06 -19.16 12.62
C LEU A 166 -8.48 -18.68 12.32
N HIS A 167 -8.59 -17.81 11.32
CA HIS A 167 -9.92 -17.38 10.89
C HIS A 167 -10.81 -18.58 10.59
N LYS A 168 -10.24 -19.59 9.95
CA LYS A 168 -11.00 -20.79 9.59
C LYS A 168 -11.57 -21.51 10.80
N ASP A 169 -11.02 -21.27 11.98
CA ASP A 169 -11.49 -21.91 13.20
C ASP A 169 -12.38 -20.98 14.00
N VAL A 178 -13.53 -23.82 19.51
CA VAL A 178 -12.56 -22.87 18.95
C VAL A 178 -11.21 -23.06 19.60
N LYS A 179 -10.29 -23.70 18.88
CA LYS A 179 -8.94 -23.90 19.37
C LYS A 179 -8.07 -22.71 19.01
N SER A 180 -6.98 -22.56 19.76
CA SER A 180 -6.01 -21.51 19.51
C SER A 180 -4.69 -22.13 19.09
N ILE A 181 -3.97 -21.43 18.22
CA ILE A 181 -2.67 -21.90 17.77
C ILE A 181 -1.60 -21.56 18.80
N TYR A 182 -1.62 -20.34 19.32
CA TYR A 182 -0.68 -19.91 20.35
C TYR A 182 -1.43 -19.18 21.45
N THR A 183 -0.84 -19.19 22.64
CA THR A 183 -1.36 -18.46 23.79
C THR A 183 -0.20 -17.78 24.50
N LEU A 184 -0.32 -16.48 24.73
CA LEU A 184 0.70 -15.73 25.45
C LEU A 184 0.14 -15.17 26.75
N ILE B 7 9.91 17.08 17.02
CA ILE B 7 10.15 16.08 18.05
C ILE B 7 11.52 15.45 17.86
N ASN B 8 11.83 14.45 18.69
CA ASN B 8 13.10 13.73 18.57
C ASN B 8 12.94 12.55 17.63
N TYR B 9 13.96 12.30 16.82
CA TYR B 9 13.95 11.22 15.85
C TYR B 9 15.16 10.32 16.06
N ASN B 10 14.97 9.03 15.80
CA ASN B 10 16.05 8.07 15.91
C ASN B 10 16.90 8.08 14.64
N GLU B 11 18.11 7.54 14.76
CA GLU B 11 18.98 7.41 13.61
C GLU B 11 18.36 6.46 12.59
N GLY B 12 18.36 6.88 11.32
CA GLY B 12 17.73 6.11 10.28
C GLY B 12 16.23 6.29 10.16
N GLN B 13 15.59 6.95 11.12
CA GLN B 13 14.16 7.17 11.07
C GLN B 13 13.81 8.33 10.14
N TRP B 14 12.64 8.24 9.52
CA TRP B 14 12.15 9.34 8.69
C TRP B 14 11.92 10.57 9.55
N SER B 15 12.36 11.72 9.03
CA SER B 15 12.12 13.00 9.66
C SER B 15 12.18 14.08 8.58
N PRO B 16 11.60 15.26 8.82
CA PRO B 16 11.71 16.34 7.82
C PRO B 16 13.15 16.63 7.43
N ASN B 17 14.10 16.37 8.32
CA ASN B 17 15.51 16.55 8.02
C ASN B 17 16.13 15.34 7.34
N ASN B 18 15.46 14.19 7.37
CA ASN B 18 15.99 12.94 6.83
C ASN B 18 14.89 12.24 6.06
N PRO B 19 14.56 12.72 4.86
CA PRO B 19 13.46 12.11 4.11
C PRO B 19 13.72 10.68 3.68
N SER B 20 14.98 10.25 3.64
CA SER B 20 15.31 8.87 3.26
C SER B 20 15.15 7.88 4.40
N GLY B 21 14.86 8.35 5.61
CA GLY B 21 14.80 7.46 6.75
C GLY B 21 13.58 6.56 6.74
N LYS B 22 13.67 5.49 7.52
CA LYS B 22 12.59 4.52 7.59
C LYS B 22 11.34 5.14 8.19
N LYS B 23 10.20 4.87 7.57
CA LYS B 23 8.92 5.41 8.02
C LYS B 23 8.33 4.53 9.13
N GLN B 24 9.08 4.48 10.23
CA GLN B 24 8.70 3.73 11.42
C GLN B 24 8.73 4.68 12.60
N TYR B 25 7.64 4.71 13.37
CA TYR B 25 7.48 5.68 14.45
C TYR B 25 7.12 4.96 15.74
N ASP B 26 7.69 5.42 16.85
CA ASP B 26 7.38 4.88 18.16
C ASP B 26 6.09 5.49 18.70
N ARG B 27 5.50 4.80 19.66
CA ARG B 27 4.27 5.28 20.29
C ARG B 27 4.44 6.70 20.81
N GLU B 28 5.55 6.96 21.52
CA GLU B 28 5.76 8.27 22.12
C GLU B 28 5.88 9.35 21.05
N GLN B 29 6.62 9.08 19.97
CA GLN B 29 6.73 10.05 18.89
C GLN B 29 5.37 10.34 18.27
N LEU B 30 4.57 9.30 18.02
CA LEU B 30 3.26 9.49 17.40
C LEU B 30 2.36 10.35 18.27
N LEU B 31 2.35 10.10 19.58
CA LEU B 31 1.48 10.86 20.47
C LEU B 31 1.91 12.32 20.57
N GLN B 32 3.22 12.58 20.47
CA GLN B 32 3.68 13.97 20.50
C GLN B 32 3.16 14.75 19.30
N LEU B 33 2.91 14.09 18.18
CA LEU B 33 2.35 14.75 17.00
C LEU B 33 0.84 14.89 17.06
N ARG B 34 0.19 14.35 18.11
CA ARG B 34 -1.26 14.44 18.21
C ARG B 34 -1.73 15.88 18.38
N GLU B 35 -0.88 16.77 18.87
CA GLU B 35 -1.28 18.12 19.25
C GLU B 35 -0.83 19.19 18.26
N VAL B 36 -0.21 18.81 17.15
CA VAL B 36 0.20 19.78 16.15
C VAL B 36 -1.03 20.29 15.42
N LYS B 37 -0.87 21.37 14.65
CA LYS B 37 -2.04 22.02 14.03
C LYS B 37 -2.67 21.12 12.97
N ALA B 38 -1.85 20.37 12.22
CA ALA B 38 -2.40 19.50 11.19
C ALA B 38 -3.21 18.37 11.80
N SER B 39 -2.88 17.94 13.01
CA SER B 39 -3.61 16.88 13.69
C SER B 39 -4.94 17.36 14.26
N ARG B 40 -5.18 18.66 14.32
CA ARG B 40 -6.39 19.20 14.91
C ARG B 40 -7.44 19.59 13.87
N ILE B 41 -7.13 19.45 12.57
CA ILE B 41 -8.10 19.79 11.54
C ILE B 41 -9.18 18.71 11.50
N GLN B 42 -10.41 19.13 11.25
CA GLN B 42 -11.50 18.18 11.12
C GLN B 42 -11.39 17.45 9.79
N PRO B 43 -11.54 16.12 9.76
CA PRO B 43 -11.42 15.38 8.50
C PRO B 43 -12.77 15.26 7.80
N GLU B 44 -12.70 14.86 6.54
CA GLU B 44 -13.90 14.58 5.76
C GLU B 44 -14.24 13.10 5.87
N VAL B 45 -15.47 12.82 6.30
CA VAL B 45 -15.92 11.46 6.55
C VAL B 45 -17.32 11.29 5.97
N LYS B 46 -17.65 10.04 5.62
CA LYS B 46 -18.96 9.73 5.03
C LYS B 46 -20.04 9.49 6.08
N ASN B 47 -19.73 8.72 7.13
CA ASN B 47 -20.72 8.38 8.15
C ASN B 47 -20.63 9.35 9.32
N VAL B 48 -21.78 9.60 9.97
CA VAL B 48 -21.88 10.65 10.96
C VAL B 48 -22.02 10.05 12.36
N SER B 49 -22.54 8.83 12.44
CA SER B 49 -22.84 8.24 13.74
C SER B 49 -21.61 8.16 14.64
N ILE B 50 -20.41 8.18 14.07
CA ILE B 50 -19.19 8.01 14.86
C ILE B 50 -18.63 9.38 15.23
N LEU B 51 -19.39 10.47 14.93
CA LEU B 51 -18.94 11.80 15.31
C LEU B 51 -19.56 12.23 16.63
N PRO B 52 -18.80 12.87 17.54
CA PRO B 52 -19.38 13.31 18.81
C PRO B 52 -20.20 14.59 18.67
N HIS C 3 -20.36 -0.69 -13.89
CA HIS C 3 -20.86 -1.17 -12.60
C HIS C 3 -20.10 -0.50 -11.47
N MET C 4 -18.85 -0.92 -11.27
CA MET C 4 -17.97 -0.32 -10.28
C MET C 4 -16.54 -0.61 -10.71
N LYS C 5 -15.59 0.01 -10.02
CA LYS C 5 -14.19 -0.08 -10.41
C LYS C 5 -13.54 -1.31 -9.78
N HIS C 6 -12.47 -1.77 -10.42
CA HIS C 6 -11.74 -2.93 -9.95
C HIS C 6 -10.59 -2.47 -9.05
N PRO C 7 -10.64 -2.76 -7.75
CA PRO C 7 -9.58 -2.25 -6.87
C PRO C 7 -8.27 -3.01 -7.04
N LEU C 8 -7.17 -2.29 -6.89
CA LEU C 8 -5.84 -2.87 -6.96
C LEU C 8 -5.42 -3.36 -5.58
N MET C 9 -4.49 -4.32 -5.58
CA MET C 9 -3.96 -4.85 -4.33
C MET C 9 -3.16 -3.81 -3.56
N ASN C 10 -2.55 -2.85 -4.27
CA ASN C 10 -1.71 -1.83 -3.66
C ASN C 10 -2.09 -0.46 -4.20
N VAL C 11 -1.76 0.55 -3.41
CA VAL C 11 -1.86 1.93 -3.85
C VAL C 11 -0.57 2.28 -4.61
N TRP C 12 -0.73 2.91 -5.77
CA TRP C 12 0.42 3.28 -6.60
C TRP C 12 0.44 4.77 -6.85
N THR C 13 1.64 5.31 -7.01
CA THR C 13 1.86 6.72 -7.29
C THR C 13 2.72 6.84 -8.53
N LEU C 14 2.30 7.70 -9.46
CA LEU C 14 3.10 8.02 -10.63
C LEU C 14 3.99 9.21 -10.31
N TRP C 15 5.28 9.09 -10.62
CA TRP C 15 6.22 10.18 -10.47
C TRP C 15 6.74 10.56 -11.85
N TYR C 16 7.14 11.83 -11.97
CA TYR C 16 7.69 12.35 -13.21
C TYR C 16 8.83 13.28 -12.86
N LEU C 17 10.04 12.93 -13.31
CA LEU C 17 11.20 13.78 -13.13
C LEU C 17 11.36 14.61 -14.40
N GLU C 18 11.31 15.93 -14.25
CA GLU C 18 11.38 16.84 -15.39
C GLU C 18 12.78 17.44 -15.46
N ASN C 19 13.44 17.22 -16.59
CA ASN C 19 14.78 17.76 -16.78
C ASN C 19 14.69 19.28 -16.86
N ASP C 20 15.53 19.96 -16.10
CA ASP C 20 15.55 21.41 -16.07
C ASP C 20 16.94 21.88 -15.68
N ARG C 21 17.27 23.09 -16.12
CA ARG C 21 18.52 23.71 -15.75
C ARG C 21 18.42 24.31 -14.35
N SER C 22 19.47 24.12 -13.55
CA SER C 22 19.58 24.75 -12.24
C SER C 22 18.42 24.31 -11.33
N LYS C 23 18.21 23.00 -11.26
CA LYS C 23 17.18 22.44 -10.38
C LYS C 23 17.67 21.11 -9.83
N SER C 24 17.58 20.96 -8.52
CA SER C 24 18.02 19.75 -7.84
C SER C 24 17.07 18.59 -8.13
N TRP C 25 17.50 17.40 -7.71
CA TRP C 25 16.68 16.20 -7.88
C TRP C 25 15.29 16.39 -7.26
N GLU C 26 15.24 16.93 -6.04
CA GLU C 26 13.95 17.19 -5.41
C GLU C 26 13.12 18.19 -6.22
N ASP C 27 13.78 19.20 -6.79
CA ASP C 27 13.05 20.19 -7.59
C ASP C 27 12.42 19.54 -8.81
N MET C 28 13.07 18.53 -9.39
CA MET C 28 12.63 17.94 -10.65
C MET C 28 11.66 16.79 -10.45
N GLN C 29 11.78 16.04 -9.35
CA GLN C 29 10.83 14.96 -9.07
C GLN C 29 9.47 15.54 -8.74
N ASN C 30 8.45 15.13 -9.48
CA ASN C 30 7.09 15.59 -9.29
C ASN C 30 6.20 14.38 -9.03
N GLU C 31 5.48 14.40 -7.92
CA GLU C 31 4.48 13.39 -7.65
C GLU C 31 3.23 13.77 -8.45
N ILE C 32 2.89 12.95 -9.43
CA ILE C 32 1.77 13.29 -10.33
C ILE C 32 0.44 13.01 -9.65
N THR C 33 0.16 11.75 -9.34
CA THR C 33 -1.08 11.40 -8.67
C THR C 33 -0.98 9.95 -8.20
N SER C 34 -1.94 9.56 -7.36
CA SER C 34 -2.04 8.21 -6.84
C SER C 34 -3.37 7.59 -7.25
N PHE C 35 -3.41 6.27 -7.28
CA PHE C 35 -4.61 5.56 -7.70
C PHE C 35 -4.60 4.17 -7.07
N ASP C 36 -5.80 3.59 -6.94
CA ASP C 36 -5.92 2.26 -6.34
C ASP C 36 -6.98 1.41 -7.03
N THR C 37 -7.37 1.72 -8.26
CA THR C 37 -8.25 0.88 -9.05
C THR C 37 -7.73 0.81 -10.48
N VAL C 38 -8.16 -0.22 -11.20
CA VAL C 38 -7.76 -0.38 -12.60
C VAL C 38 -8.22 0.81 -13.41
N GLU C 39 -9.48 1.22 -13.22
CA GLU C 39 -10.04 2.28 -14.04
C GLU C 39 -9.35 3.62 -13.77
N ASP C 40 -8.97 3.87 -12.52
CA ASP C 40 -8.26 5.11 -12.23
C ASP C 40 -6.85 5.10 -12.82
N PHE C 41 -6.23 3.93 -12.93
CA PHE C 41 -4.95 3.84 -13.63
C PHE C 41 -5.10 4.26 -15.09
N TRP C 42 -6.06 3.65 -15.80
CA TRP C 42 -6.24 3.97 -17.22
C TRP C 42 -6.60 5.42 -17.41
N SER C 43 -7.40 5.99 -16.49
CA SER C 43 -7.69 7.42 -16.55
C SER C 43 -6.40 8.23 -16.57
N LEU C 44 -5.38 7.77 -15.85
CA LEU C 44 -4.10 8.46 -15.85
C LEU C 44 -3.30 8.16 -17.11
N TYR C 45 -3.11 6.88 -17.42
CA TYR C 45 -2.25 6.51 -18.53
C TYR C 45 -2.81 7.00 -19.86
N ASN C 46 -4.13 6.99 -20.02
CA ASN C 46 -4.73 7.37 -21.30
C ASN C 46 -4.61 8.86 -21.59
N HIS C 47 -4.26 9.69 -20.61
CA HIS C 47 -4.25 11.13 -20.78
C HIS C 47 -2.86 11.76 -20.59
N ILE C 48 -1.80 10.95 -20.49
CA ILE C 48 -0.45 11.47 -20.35
C ILE C 48 0.39 11.00 -21.54
N LYS C 49 1.49 11.71 -21.77
CA LYS C 49 2.38 11.36 -22.87
C LYS C 49 3.02 10.00 -22.62
N PRO C 50 3.21 9.19 -23.66
CA PRO C 50 4.00 7.96 -23.50
C PRO C 50 5.47 8.29 -23.31
N PRO C 51 6.26 7.35 -22.78
CA PRO C 51 7.68 7.65 -22.54
C PRO C 51 8.42 8.14 -23.78
N SER C 52 8.02 7.72 -24.97
CA SER C 52 8.70 8.14 -26.19
C SER C 52 8.50 9.61 -26.51
N GLU C 53 7.65 10.32 -25.76
CA GLU C 53 7.33 11.70 -26.05
C GLU C 53 7.78 12.68 -24.97
N ILE C 54 8.28 12.20 -23.83
CA ILE C 54 8.71 13.11 -22.77
C ILE C 54 10.11 13.64 -23.07
N LYS C 55 10.46 14.74 -22.41
CA LYS C 55 11.71 15.43 -22.71
C LYS C 55 12.90 14.53 -22.43
N LEU C 56 13.98 14.76 -23.19
CA LEU C 56 15.23 14.05 -22.97
C LEU C 56 15.74 14.31 -21.56
N GLY C 57 16.10 13.24 -20.85
CA GLY C 57 16.58 13.34 -19.50
C GLY C 57 15.51 13.22 -18.43
N SER C 58 14.27 12.99 -18.82
CA SER C 58 13.16 12.87 -17.88
C SER C 58 12.90 11.41 -17.55
N ASP C 59 12.13 11.19 -16.48
CA ASP C 59 11.79 9.85 -16.03
C ASP C 59 10.31 9.77 -15.69
N TYR C 60 9.76 8.58 -15.88
CA TYR C 60 8.51 8.16 -15.27
C TYR C 60 8.83 7.11 -14.22
N SER C 61 8.08 7.12 -13.12
CA SER C 61 8.22 6.09 -12.09
C SER C 61 6.85 5.74 -11.56
N LEU C 62 6.63 4.45 -11.31
CA LEU C 62 5.42 3.96 -10.65
C LEU C 62 5.85 3.17 -9.44
N PHE C 63 5.57 3.69 -8.25
CA PHE C 63 5.97 3.07 -7.00
C PHE C 63 4.77 2.93 -6.08
N LYS C 64 4.80 1.90 -5.24
CA LYS C 64 3.78 1.77 -4.20
C LYS C 64 3.78 3.02 -3.33
N LYS C 65 2.59 3.38 -2.83
CA LYS C 65 2.41 4.67 -2.17
C LYS C 65 3.45 4.89 -1.08
N ASN C 66 3.97 6.13 -1.04
CA ASN C 66 4.91 6.62 -0.04
C ASN C 66 6.29 6.00 -0.13
N ILE C 67 6.57 5.22 -1.17
CA ILE C 67 7.94 4.87 -1.54
C ILE C 67 8.36 5.82 -2.65
N ARG C 68 9.42 6.59 -2.38
CA ARG C 68 9.91 7.50 -3.42
C ARG C 68 10.87 6.77 -4.36
N PRO C 69 10.97 7.22 -5.63
CA PRO C 69 11.94 6.64 -6.57
C PRO C 69 13.37 7.11 -6.33
N MET C 70 13.83 6.97 -5.08
CA MET C 70 15.20 7.28 -4.69
C MET C 70 15.81 6.05 -4.05
N TRP C 71 16.89 5.54 -4.64
CA TRP C 71 17.47 4.29 -4.17
C TRP C 71 18.05 4.42 -2.77
N GLU C 72 18.39 5.63 -2.33
CA GLU C 72 18.97 5.83 -1.01
C GLU C 72 17.95 5.74 0.11
N ASP C 73 16.66 5.84 -0.21
CA ASP C 73 15.61 5.70 0.81
C ASP C 73 15.65 4.32 1.44
N ALA C 74 15.20 4.25 2.69
CA ALA C 74 15.27 3.00 3.44
C ALA C 74 14.52 1.88 2.74
N ALA C 75 13.42 2.20 2.05
CA ALA C 75 12.65 1.16 1.38
C ALA C 75 13.41 0.55 0.21
N ASN C 76 14.37 1.29 -0.37
CA ASN C 76 15.09 0.84 -1.56
C ASN C 76 16.57 0.59 -1.33
N LYS C 77 17.10 0.99 -0.17
CA LYS C 77 18.56 1.04 -0.01
C LYS C 77 19.19 -0.35 -0.16
N GLN C 78 18.51 -1.38 0.32
CA GLN C 78 19.06 -2.73 0.33
C GLN C 78 18.65 -3.56 -0.88
N GLY C 79 18.01 -2.96 -1.87
CA GLY C 79 17.44 -3.69 -2.99
C GLY C 79 18.27 -3.56 -4.26
N GLY C 80 17.65 -3.98 -5.36
CA GLY C 80 18.27 -3.91 -6.67
C GLY C 80 17.25 -3.63 -7.75
N ARG C 81 17.65 -3.78 -9.01
CA ARG C 81 16.73 -3.48 -10.12
C ARG C 81 17.03 -4.39 -11.29
N TRP C 82 15.97 -4.88 -11.92
CA TRP C 82 16.06 -5.57 -13.20
C TRP C 82 16.04 -4.52 -14.30
N VAL C 83 17.15 -4.41 -15.05
CA VAL C 83 17.33 -3.34 -16.02
C VAL C 83 17.15 -3.89 -17.43
N ILE C 84 16.28 -3.25 -18.20
CA ILE C 84 16.13 -3.50 -19.63
C ILE C 84 16.57 -2.23 -20.35
N THR C 85 17.50 -2.38 -21.31
CA THR C 85 17.99 -1.23 -22.06
C THR C 85 17.54 -1.33 -23.52
N LEU C 86 17.04 -0.21 -24.03
CA LEU C 86 16.56 -0.09 -25.40
C LEU C 86 17.31 1.02 -26.12
N ASN C 87 17.92 0.70 -27.27
CA ASN C 87 18.58 1.73 -28.07
C ASN C 87 17.61 2.85 -28.38
N LYS C 88 18.13 4.03 -28.71
CA LYS C 88 17.33 5.25 -28.75
C LYS C 88 16.28 5.24 -29.86
N SER C 89 16.39 4.34 -30.84
CA SER C 89 15.46 4.34 -31.96
C SER C 89 14.19 3.55 -31.70
N SER C 90 14.16 2.72 -30.66
CA SER C 90 13.02 1.83 -30.40
C SER C 90 12.00 2.56 -29.53
N LYS C 91 11.41 3.60 -30.12
CA LYS C 91 10.46 4.43 -29.39
C LYS C 91 9.17 3.69 -29.11
N THR C 92 8.65 2.96 -30.09
CA THR C 92 7.35 2.30 -29.94
C THR C 92 7.47 1.01 -29.13
N ASP C 93 8.56 0.26 -29.31
CA ASP C 93 8.82 -0.87 -28.43
C ASP C 93 8.95 -0.39 -26.98
N LEU C 94 9.51 0.81 -26.80
CA LEU C 94 9.63 1.39 -25.47
C LEU C 94 8.25 1.60 -24.84
N ASP C 95 7.38 2.34 -25.53
CA ASP C 95 6.04 2.59 -25.02
C ASP C 95 5.31 1.28 -24.69
N ASN C 96 5.44 0.28 -25.56
CA ASN C 96 4.78 -0.99 -25.33
C ASN C 96 5.36 -1.72 -24.12
N LEU C 97 6.69 -1.73 -24.01
CA LEU C 97 7.34 -2.40 -22.88
C LEU C 97 6.98 -1.72 -21.57
N TRP C 98 6.96 -0.39 -21.56
CA TRP C 98 6.63 0.34 -20.34
C TRP C 98 5.23 -0.03 -19.84
N LEU C 99 4.24 -0.01 -20.75
CA LEU C 99 2.88 -0.34 -20.34
C LEU C 99 2.80 -1.77 -19.81
N ASP C 100 3.43 -2.72 -20.50
CA ASP C 100 3.41 -4.10 -20.03
C ASP C 100 4.01 -4.20 -18.63
N VAL C 101 5.07 -3.45 -18.36
CA VAL C 101 5.65 -3.44 -17.01
C VAL C 101 4.64 -2.87 -16.01
N LEU C 102 3.98 -1.77 -16.39
CA LEU C 102 3.00 -1.16 -15.50
C LEU C 102 1.85 -2.11 -15.20
N LEU C 103 1.41 -2.87 -16.20
CA LEU C 103 0.32 -3.82 -15.98
C LEU C 103 0.77 -4.99 -15.11
N CYS C 104 2.04 -5.38 -15.20
CA CYS C 104 2.56 -6.40 -14.30
C CYS C 104 2.52 -5.92 -12.85
N LEU C 105 2.88 -4.66 -12.61
CA LEU C 105 2.92 -4.15 -11.24
C LEU C 105 1.52 -4.04 -10.65
N ILE C 106 0.64 -3.27 -11.29
CA ILE C 106 -0.68 -3.03 -10.71
C ILE C 106 -1.50 -4.30 -10.69
N GLY C 107 -1.26 -5.22 -11.63
CA GLY C 107 -1.96 -6.49 -11.66
C GLY C 107 -1.39 -7.54 -10.74
N GLU C 108 -0.25 -7.27 -10.10
CA GLU C 108 0.36 -8.19 -9.14
C GLU C 108 0.68 -9.54 -9.79
N ALA C 109 1.43 -9.49 -10.89
CA ALA C 109 1.77 -10.68 -11.66
C ALA C 109 2.89 -11.49 -11.03
N PHE C 110 3.49 -11.04 -9.93
CA PHE C 110 4.61 -11.72 -9.31
C PHE C 110 4.17 -12.40 -8.02
N ASP C 111 4.73 -13.58 -7.74
CA ASP C 111 4.47 -14.26 -6.47
C ASP C 111 5.00 -13.44 -5.30
N HIS C 112 6.15 -12.79 -5.46
CA HIS C 112 6.75 -11.98 -4.40
C HIS C 112 6.32 -10.52 -4.59
N SER C 113 5.05 -10.27 -4.29
CA SER C 113 4.51 -8.92 -4.41
C SER C 113 5.19 -7.97 -3.43
N ASP C 114 5.39 -8.41 -2.19
CA ASP C 114 5.98 -7.54 -1.18
C ASP C 114 7.38 -7.09 -1.57
N GLN C 115 8.04 -7.79 -2.48
CA GLN C 115 9.39 -7.46 -2.89
C GLN C 115 9.45 -6.42 -4.00
N ILE C 116 8.33 -6.12 -4.65
CA ILE C 116 8.30 -5.11 -5.71
C ILE C 116 8.16 -3.74 -5.06
N CYS C 117 9.06 -2.82 -5.41
CA CYS C 117 8.97 -1.43 -4.97
C CYS C 117 8.34 -0.53 -6.04
N GLY C 118 8.79 -0.66 -7.28
CA GLY C 118 8.25 0.15 -8.35
C GLY C 118 9.05 -0.05 -9.62
N ALA C 119 8.78 0.81 -10.59
CA ALA C 119 9.44 0.75 -11.89
C ALA C 119 9.80 2.16 -12.33
N VAL C 120 10.91 2.26 -13.06
CA VAL C 120 11.41 3.54 -13.56
C VAL C 120 11.82 3.37 -15.02
N ILE C 121 11.51 4.37 -15.83
CA ILE C 121 11.98 4.42 -17.21
C ILE C 121 12.78 5.71 -17.40
N ASN C 122 14.02 5.58 -17.83
CA ASN C 122 14.93 6.71 -18.03
C ASN C 122 15.05 7.02 -19.51
N ILE C 123 14.73 8.26 -19.88
CA ILE C 123 14.97 8.77 -21.24
C ILE C 123 16.32 9.46 -21.23
N ARG C 124 17.31 8.85 -21.87
CA ARG C 124 18.68 9.35 -21.83
C ARG C 124 19.22 9.53 -23.24
N GLY C 125 20.36 10.21 -23.32
CA GLY C 125 21.01 10.52 -24.59
C GLY C 125 21.12 9.37 -25.58
N LYS C 126 21.99 8.41 -25.30
CA LYS C 126 22.30 7.35 -26.24
C LYS C 126 21.55 6.05 -25.94
N SER C 127 20.53 6.09 -25.09
CA SER C 127 19.88 4.86 -24.66
C SER C 127 18.68 5.21 -23.80
N ASN C 128 17.82 4.21 -23.62
CA ASN C 128 16.65 4.31 -22.76
C ASN C 128 16.63 3.05 -21.90
N LYS C 129 16.25 3.22 -20.64
CA LYS C 129 16.28 2.12 -19.68
C LYS C 129 14.94 1.98 -19.01
N ILE C 130 14.52 0.73 -18.79
CA ILE C 130 13.37 0.40 -17.96
C ILE C 130 13.86 -0.50 -16.84
N SER C 131 13.55 -0.11 -15.59
CA SER C 131 14.04 -0.82 -14.42
C SER C 131 12.87 -1.15 -13.50
N ILE C 132 12.92 -2.33 -12.91
CA ILE C 132 11.95 -2.76 -11.90
C ILE C 132 12.70 -2.93 -10.59
N TRP C 133 12.36 -2.10 -9.59
CA TRP C 133 13.08 -2.06 -8.34
C TRP C 133 12.49 -3.06 -7.34
N THR C 134 13.36 -3.85 -6.72
CA THR C 134 12.96 -4.80 -5.69
C THR C 134 13.53 -4.39 -4.34
N ALA C 135 13.04 -5.03 -3.28
CA ALA C 135 13.29 -4.57 -1.92
C ALA C 135 14.62 -5.07 -1.38
N ASP C 136 14.96 -6.34 -1.61
CA ASP C 136 16.14 -6.96 -1.01
C ASP C 136 16.94 -7.67 -2.08
N GLY C 137 18.13 -7.16 -2.38
CA GLY C 137 19.02 -7.75 -3.35
C GLY C 137 19.64 -9.07 -2.92
N ASN C 138 19.45 -9.47 -1.66
CA ASN C 138 19.95 -10.75 -1.17
C ASN C 138 18.92 -11.86 -1.25
N ASN C 139 17.67 -11.53 -1.57
CA ASN C 139 16.62 -12.53 -1.72
C ASN C 139 16.74 -13.13 -3.10
N GLU C 140 17.59 -14.16 -3.23
CA GLU C 140 17.84 -14.76 -4.53
C GLU C 140 16.56 -15.36 -5.11
N GLU C 141 15.74 -15.98 -4.26
CA GLU C 141 14.51 -16.61 -4.74
C GLU C 141 13.56 -15.57 -5.32
N ALA C 142 13.41 -14.42 -4.65
CA ALA C 142 12.49 -13.40 -5.11
C ALA C 142 13.01 -12.69 -6.35
N ALA C 143 14.29 -12.30 -6.33
CA ALA C 143 14.85 -11.59 -7.48
C ALA C 143 14.77 -12.44 -8.74
N LEU C 144 15.08 -13.73 -8.63
CA LEU C 144 15.04 -14.59 -9.80
C LEU C 144 13.61 -14.87 -10.25
N GLU C 145 12.70 -15.08 -9.30
CA GLU C 145 11.30 -15.29 -9.66
C GLU C 145 10.74 -14.07 -10.38
N ILE C 146 11.07 -12.88 -9.91
CA ILE C 146 10.62 -11.66 -10.57
C ILE C 146 11.25 -11.52 -11.94
N GLY C 147 12.53 -11.87 -12.07
CA GLY C 147 13.20 -11.75 -13.35
C GLY C 147 12.62 -12.70 -14.39
N HIS C 148 12.35 -13.94 -14.01
CA HIS C 148 11.76 -14.88 -14.95
C HIS C 148 10.36 -14.45 -15.36
N LYS C 149 9.58 -13.92 -14.42
CA LYS C 149 8.25 -13.43 -14.76
C LYS C 149 8.33 -12.27 -15.75
N LEU C 150 9.30 -11.37 -15.56
CA LEU C 150 9.47 -10.26 -16.49
C LEU C 150 9.79 -10.75 -17.90
N ARG C 151 10.76 -11.67 -18.01
CA ARG C 151 11.14 -12.16 -19.34
C ARG C 151 9.94 -12.79 -20.05
N ASP C 152 9.10 -13.51 -19.31
CA ASP C 152 7.95 -14.16 -19.91
C ASP C 152 6.83 -13.16 -20.16
N ALA C 153 6.45 -12.39 -19.14
CA ALA C 153 5.36 -11.44 -19.29
C ALA C 153 5.64 -10.41 -20.37
N LEU C 154 6.91 -10.06 -20.57
CA LEU C 154 7.30 -9.06 -21.57
C LEU C 154 7.73 -9.69 -22.90
N ARG C 155 7.84 -11.01 -22.96
CA ARG C 155 8.23 -11.72 -24.19
C ARG C 155 9.53 -11.15 -24.74
N LEU C 156 10.55 -11.10 -23.89
CA LEU C 156 11.83 -10.54 -24.28
C LEU C 156 12.69 -11.57 -25.00
N GLY C 157 13.54 -11.09 -25.89
CA GLY C 157 14.39 -11.94 -26.69
C GLY C 157 15.66 -11.24 -27.13
N ASN C 160 17.60 -7.77 -26.35
CA ASN C 160 16.93 -7.49 -25.10
C ASN C 160 17.38 -8.47 -24.02
N SER C 161 18.25 -8.00 -23.12
CA SER C 161 18.79 -8.82 -22.06
C SER C 161 18.40 -8.23 -20.71
N LEU C 162 17.96 -9.09 -19.79
CA LEU C 162 17.60 -8.68 -18.44
C LEU C 162 18.80 -8.84 -17.52
N GLN C 163 19.11 -7.79 -16.77
CA GLN C 163 20.19 -7.82 -15.79
C GLN C 163 19.70 -7.25 -14.47
N TYR C 164 20.07 -7.90 -13.38
CA TYR C 164 19.76 -7.45 -12.03
C TYR C 164 20.98 -6.79 -11.43
N GLN C 165 20.85 -5.53 -11.00
CA GLN C 165 21.96 -4.75 -10.48
C GLN C 165 21.57 -4.18 -9.13
N LEU C 166 22.48 -4.28 -8.17
CA LEU C 166 22.27 -3.65 -6.87
C LEU C 166 22.35 -2.12 -7.01
N HIS C 167 21.43 -1.43 -6.35
CA HIS C 167 21.46 0.03 -6.36
C HIS C 167 22.82 0.55 -5.90
N LYS C 168 23.37 -0.05 -4.84
CA LYS C 168 24.67 0.37 -4.35
C LYS C 168 25.77 0.14 -5.37
N ASP C 169 25.53 -0.68 -6.38
CA ASP C 169 26.54 -0.97 -7.41
C ASP C 169 27.72 -1.72 -6.81
N SER C 180 25.48 -5.91 -11.69
CA SER C 180 25.26 -6.95 -12.69
C SER C 180 25.64 -8.32 -12.13
N ILE C 181 24.74 -8.90 -11.36
CA ILE C 181 24.97 -10.20 -10.73
C ILE C 181 24.20 -11.31 -11.41
N TYR C 182 22.98 -11.02 -11.87
CA TYR C 182 22.17 -11.97 -12.60
C TYR C 182 21.99 -11.51 -14.03
N THR C 183 21.77 -12.47 -14.93
CA THR C 183 21.56 -12.16 -16.35
C THR C 183 20.58 -13.19 -16.91
N LEU C 184 19.33 -12.79 -17.08
CA LEU C 184 18.31 -13.67 -17.63
C LEU C 184 17.89 -13.19 -19.01
N SER D 5 -19.51 -5.76 -15.97
CA SER D 5 -19.13 -7.10 -16.39
C SER D 5 -18.95 -7.18 -17.90
N ILE D 6 -17.72 -6.97 -18.37
CA ILE D 6 -17.38 -7.13 -19.77
C ILE D 6 -16.21 -8.07 -19.99
N ILE D 7 -15.60 -8.58 -18.93
CA ILE D 7 -14.47 -9.50 -19.02
C ILE D 7 -14.82 -10.79 -18.30
N ASN D 8 -14.07 -11.84 -18.61
CA ASN D 8 -14.22 -13.12 -17.95
C ASN D 8 -13.25 -13.21 -16.78
N TYR D 9 -13.77 -13.53 -15.61
CA TYR D 9 -12.97 -13.58 -14.39
C TYR D 9 -12.53 -15.00 -14.10
N ASN D 10 -11.28 -15.14 -13.70
CA ASN D 10 -10.73 -16.44 -13.33
C ASN D 10 -11.31 -16.90 -12.00
N GLU D 11 -11.08 -18.18 -11.69
CA GLU D 11 -11.55 -18.72 -10.43
C GLU D 11 -10.80 -18.09 -9.27
N GLY D 12 -11.54 -17.57 -8.29
CA GLY D 12 -10.92 -16.96 -7.12
C GLY D 12 -10.46 -15.54 -7.32
N GLN D 13 -10.71 -14.94 -8.48
CA GLN D 13 -10.28 -13.58 -8.76
C GLN D 13 -11.33 -12.58 -8.29
N TRP D 14 -10.86 -11.41 -7.87
CA TRP D 14 -11.78 -10.33 -7.52
C TRP D 14 -12.67 -10.00 -8.70
N SER D 15 -13.95 -9.78 -8.42
CA SER D 15 -14.90 -9.28 -9.41
C SER D 15 -16.00 -8.54 -8.68
N PRO D 16 -16.77 -7.72 -9.37
CA PRO D 16 -17.92 -7.08 -8.72
C PRO D 16 -18.85 -8.05 -8.02
N ASN D 17 -19.01 -9.27 -8.58
CA ASN D 17 -19.84 -10.28 -7.97
C ASN D 17 -19.10 -11.09 -6.89
N ASN D 18 -17.78 -10.99 -6.84
CA ASN D 18 -16.97 -11.73 -5.87
C ASN D 18 -15.94 -10.78 -5.26
N PRO D 19 -16.39 -9.84 -4.44
CA PRO D 19 -15.44 -8.89 -3.81
C PRO D 19 -14.44 -9.57 -2.89
N SER D 20 -14.65 -10.84 -2.54
CA SER D 20 -13.68 -11.57 -1.72
C SER D 20 -12.53 -12.13 -2.54
N GLY D 21 -12.59 -12.06 -3.86
CA GLY D 21 -11.56 -12.64 -4.70
C GLY D 21 -10.26 -11.86 -4.65
N LYS D 22 -9.21 -12.52 -5.14
CA LYS D 22 -7.87 -11.95 -5.09
C LYS D 22 -7.74 -10.81 -6.09
N LYS D 23 -7.21 -9.67 -5.62
CA LYS D 23 -7.08 -8.47 -6.45
C LYS D 23 -5.83 -8.62 -7.33
N GLN D 24 -5.95 -9.52 -8.30
CA GLN D 24 -4.87 -9.85 -9.22
C GLN D 24 -5.47 -9.97 -10.62
N TYR D 25 -4.82 -9.35 -11.61
CA TYR D 25 -5.41 -9.19 -12.93
C TYR D 25 -4.38 -9.44 -14.02
N ASP D 26 -4.79 -10.23 -15.03
CA ASP D 26 -3.93 -10.49 -16.17
C ASP D 26 -3.79 -9.26 -17.05
N ARG D 27 -2.71 -9.25 -17.84
CA ARG D 27 -2.48 -8.16 -18.78
C ARG D 27 -3.70 -7.91 -19.66
N GLU D 28 -4.27 -8.99 -20.23
CA GLU D 28 -5.34 -8.82 -21.19
C GLU D 28 -6.62 -8.33 -20.53
N GLN D 29 -6.93 -8.83 -19.34
CA GLN D 29 -8.07 -8.30 -18.61
C GLN D 29 -7.93 -6.80 -18.37
N LEU D 30 -6.72 -6.37 -17.99
CA LEU D 30 -6.49 -4.94 -17.76
C LEU D 30 -6.66 -4.14 -19.05
N LEU D 31 -6.16 -4.66 -20.17
CA LEU D 31 -6.36 -3.97 -21.44
C LEU D 31 -7.84 -3.94 -21.83
N GLN D 32 -8.61 -4.96 -21.44
CA GLN D 32 -10.02 -4.98 -21.78
C GLN D 32 -10.81 -3.91 -21.06
N LEU D 33 -10.32 -3.42 -19.92
CA LEU D 33 -10.97 -2.33 -19.20
C LEU D 33 -10.43 -0.96 -19.60
N ARG D 34 -9.57 -0.89 -20.61
CA ARG D 34 -8.93 0.38 -20.96
C ARG D 34 -9.92 1.40 -21.52
N GLU D 35 -11.06 0.97 -22.05
CA GLU D 35 -11.98 1.88 -22.73
C GLU D 35 -13.30 2.08 -22.00
N VAL D 36 -13.52 1.43 -20.86
CA VAL D 36 -14.73 1.70 -20.09
C VAL D 36 -14.73 3.17 -19.66
N LYS D 37 -15.92 3.68 -19.33
CA LYS D 37 -16.07 5.11 -19.11
C LYS D 37 -15.14 5.59 -18.00
N ALA D 38 -15.11 4.88 -16.88
CA ALA D 38 -14.26 5.31 -15.77
C ALA D 38 -12.80 5.41 -16.20
N SER D 39 -12.40 4.65 -17.21
CA SER D 39 -11.05 4.75 -17.75
C SER D 39 -10.88 5.90 -18.73
N ARG D 40 -11.97 6.50 -19.19
CA ARG D 40 -11.91 7.62 -20.13
C ARG D 40 -11.95 8.97 -19.43
N ILE D 41 -12.31 9.00 -18.15
CA ILE D 41 -12.34 10.27 -17.42
C ILE D 41 -10.95 10.89 -17.41
N GLN D 42 -10.90 12.20 -17.52
CA GLN D 42 -9.62 12.89 -17.51
C GLN D 42 -9.19 13.18 -16.08
N PRO D 43 -7.96 12.85 -15.69
CA PRO D 43 -7.51 13.09 -14.32
C PRO D 43 -7.01 14.52 -14.16
N GLU D 44 -6.63 14.86 -12.93
CA GLU D 44 -6.10 16.18 -12.60
C GLU D 44 -4.59 16.08 -12.58
N VAL D 45 -3.96 16.45 -13.70
CA VAL D 45 -2.51 16.42 -13.85
C VAL D 45 -2.01 17.86 -13.90
N LYS D 46 -1.11 18.20 -12.99
CA LYS D 46 -0.62 19.57 -12.89
C LYS D 46 0.49 19.84 -13.88
N ASN D 47 1.51 18.99 -13.91
CA ASN D 47 2.68 19.21 -14.76
C ASN D 47 2.27 19.10 -16.23
N VAL D 48 2.31 20.22 -16.94
CA VAL D 48 1.84 20.25 -18.33
C VAL D 48 2.81 19.62 -19.31
N SER D 49 4.04 19.36 -18.90
CA SER D 49 5.03 18.79 -19.81
C SER D 49 4.80 17.30 -20.09
N ILE D 50 3.83 16.67 -19.42
CA ILE D 50 3.44 15.30 -19.71
C ILE D 50 2.04 15.20 -20.29
N LEU D 51 1.38 16.32 -20.55
CA LEU D 51 0.06 16.31 -21.16
C LEU D 51 0.20 16.24 -22.67
N PRO D 52 -0.39 15.25 -23.34
CA PRO D 52 -0.10 15.03 -24.75
C PRO D 52 -0.92 15.93 -25.67
N GLN D 53 -0.40 16.11 -26.88
CA GLN D 53 -1.12 16.84 -27.91
C GLN D 53 -2.36 16.04 -28.32
N PRO D 54 -3.43 16.71 -28.74
CA PRO D 54 -4.65 15.97 -29.12
C PRO D 54 -4.40 14.89 -30.16
N ASN D 55 -3.65 15.21 -31.21
CA ASN D 55 -3.34 14.21 -32.24
C ASN D 55 -2.69 12.97 -31.65
N LEU D 56 -1.96 13.14 -30.54
CA LEU D 56 -1.25 12.02 -29.92
C LEU D 56 -2.19 11.11 -29.13
N MET D 57 -3.40 11.59 -28.78
CA MET D 57 -4.33 10.82 -27.95
C MET D 57 -5.20 9.92 -28.84
N PRO D 58 -5.46 8.69 -28.42
CA PRO D 58 -6.42 7.86 -29.16
C PRO D 58 -7.84 8.37 -28.95
N SER D 59 -8.75 7.89 -29.79
CA SER D 59 -10.16 8.30 -29.73
C SER D 59 -10.96 7.23 -29.00
N PHE D 60 -11.18 7.44 -27.72
CA PHE D 60 -12.16 6.69 -26.95
C PHE D 60 -12.32 7.38 -25.60
C1 GOL E . 3.61 0.98 0.15
O1 GOL E . 2.43 1.69 -0.17
C2 GOL E . 3.28 -0.50 0.28
O2 GOL E . 1.99 -0.66 0.83
C3 GOL E . 4.31 -1.20 1.17
O3 GOL E . 4.01 -2.57 1.23
H11 GOL E . 4.36 1.13 -0.61
H12 GOL E . 4.01 1.35 1.11
HO1 GOL E . 2.63 2.65 -0.19
H2 GOL E . 3.31 -0.95 -0.71
HO2 GOL E . 1.78 -1.61 0.90
H31 GOL E . 5.31 -1.05 0.75
H32 GOL E . 4.29 -0.77 2.17
HO3 GOL E . 4.67 -3.02 1.80
C1 GOL F . 6.50 10.49 0.86
O1 GOL F . 7.52 9.53 0.91
C2 GOL F . 6.16 10.81 -0.60
O2 GOL F . 4.99 10.11 -0.98
C3 GOL F . 5.96 12.31 -0.82
O3 GOL F . 7.04 12.82 -1.58
H11 GOL F . 5.60 10.11 1.36
H12 GOL F . 6.80 11.40 1.36
HO1 GOL F . 7.78 9.38 1.84
H2 GOL F . 6.99 10.47 -1.22
HO2 GOL F . 4.23 10.43 -0.45
H31 GOL F . 5.02 12.48 -1.35
H32 GOL F . 5.91 12.82 0.14
HO3 GOL F . 6.71 13.51 -2.19
#